data_9C0Y
#
_entry.id   9C0Y
#
_cell.length_a   71.562
_cell.length_b   73.674
_cell.length_c   85.108
_cell.angle_alpha   90.00
_cell.angle_beta   90.00
_cell.angle_gamma   90.00
#
_symmetry.space_group_name_H-M   'P 21 21 21'
#
loop_
_entity.id
_entity.type
_entity.pdbx_description
1 polymer 'Clathrin heavy chain 1'
2 non-polymer 'DIMETHYL SULFOXIDE'
3 non-polymer DI(HYDROXYETHYL)ETHER
4 non-polymer 1,2-ETHANEDIOL
5 non-polymer GLYCEROL
6 non-polymer 'ACETATE ION'
7 non-polymer N-{(5Z)-4-oxo-5-[(2-phenoxyphenyl)methylidene]-4,5-dihydro-1,3-thiazol-2-yl}naphthalene-2-sulfonamide
8 water water
#
_entity_poly.entity_id   1
_entity_poly.type   'polypeptide(L)'
_entity_poly.pdbx_seq_one_letter_code
;GSPEFMAQILPIRFQEHLQLQNLGINPANIGFSTLTMESDKFICIREKVGEQAQVVIIDMNDPSNPIRRPISADSAIMNP
ASKVIALKAGKTLQIFNIEMKSKMKAHTMTDDVTFWKWISLNTVALVTDNAVYHWSMEGESQPVKMFDRHSSLAGCQIIN
YRTDAKQKWLLLTGISAQQNRVVGAMQLYSVDRKVSQPIEGHAASFAQFKMEGNAEESTLFCFAVRGQAGGKLHIIEVGT
PPTGNQPFPKKAVDVFFPPEAQNDFPVAMQISEKHDVVFLITKYGYIHLYDLETGTCIYMNRISGETIFVTAPHEATAGI
IGVNRKGQVLSVCVEEENIIPYITNVLQNPDLALRMAVRNNLAGAEELF
;
_entity_poly.pdbx_strand_id   A
#
# COMPACT_ATOMS: atom_id res chain seq x y z
N GLU A 4 -1.02 -11.78 -30.69
CA GLU A 4 -0.55 -10.54 -31.34
C GLU A 4 -1.71 -9.70 -31.91
N PHE A 5 -2.88 -10.28 -32.26
CA PHE A 5 -4.02 -9.44 -32.65
C PHE A 5 -4.34 -8.45 -31.53
N MET A 6 -4.39 -7.18 -31.87
CA MET A 6 -4.66 -6.07 -30.97
C MET A 6 -3.64 -6.02 -29.84
N ALA A 7 -2.40 -6.48 -30.06
CA ALA A 7 -1.41 -6.47 -28.98
C ALA A 7 -0.92 -5.06 -28.68
N GLN A 8 -1.21 -4.08 -29.55
CA GLN A 8 -0.74 -2.73 -29.30
C GLN A 8 -1.64 -1.97 -28.31
N ILE A 9 -2.83 -2.49 -27.97
CA ILE A 9 -3.81 -1.83 -27.12
C ILE A 9 -3.67 -2.42 -25.72
N LEU A 10 -3.16 -1.63 -24.79
CA LEU A 10 -2.99 -2.17 -23.44
C LEU A 10 -4.24 -1.85 -22.63
N PRO A 11 -4.53 -2.62 -21.55
CA PRO A 11 -5.60 -2.28 -20.61
C PRO A 11 -5.25 -1.20 -19.60
N ILE A 12 -3.97 -0.80 -19.60
CA ILE A 12 -3.45 0.18 -18.63
C ILE A 12 -2.84 1.37 -19.35
N ARG A 13 -2.69 2.44 -18.55
CA ARG A 13 -1.83 3.58 -18.90
C ARG A 13 -0.71 3.65 -17.87
N PHE A 14 0.52 3.57 -18.38
CA PHE A 14 1.69 3.82 -17.56
C PHE A 14 2.08 5.28 -17.67
N GLN A 15 2.47 5.90 -16.56
CA GLN A 15 2.95 7.29 -16.57
C GLN A 15 4.19 7.43 -15.70
N GLU A 16 5.14 8.23 -16.14
CA GLU A 16 6.20 8.75 -15.30
C GLU A 16 5.81 10.16 -14.88
N HIS A 17 5.85 10.40 -13.57
CA HIS A 17 5.49 11.68 -12.97
C HIS A 17 6.73 12.55 -12.69
N LEU A 18 7.80 11.94 -12.20
CA LEU A 18 8.96 12.66 -11.67
C LEU A 18 10.17 11.74 -11.74
N GLN A 19 11.37 12.35 -11.78
CA GLN A 19 12.60 11.68 -11.45
C GLN A 19 13.21 12.39 -10.24
N LEU A 20 13.25 11.78 -9.07
CA LEU A 20 13.67 12.51 -7.87
C LEU A 20 15.14 12.94 -7.92
N GLN A 21 15.97 12.25 -8.67
CA GLN A 21 17.37 12.69 -8.74
C GLN A 21 17.46 14.01 -9.49
N ASN A 22 16.46 14.39 -10.29
CA ASN A 22 16.44 15.69 -10.93
C ASN A 22 15.95 16.78 -9.99
N LEU A 23 15.52 16.46 -8.77
CA LEU A 23 15.00 17.44 -7.81
C LEU A 23 15.93 17.54 -6.62
N GLY A 24 17.19 17.16 -6.83
CA GLY A 24 18.23 17.32 -5.83
C GLY A 24 18.20 16.26 -4.73
N ILE A 25 17.58 15.09 -5.00
CA ILE A 25 17.60 14.01 -4.04
C ILE A 25 18.81 13.11 -4.30
N ASN A 26 19.57 12.82 -3.26
CA ASN A 26 20.71 11.94 -3.35
C ASN A 26 20.16 10.52 -3.57
N PRO A 27 20.60 9.75 -4.60
CA PRO A 27 20.17 8.36 -4.70
C PRO A 27 20.31 7.42 -3.51
N ALA A 28 21.26 7.69 -2.60
CA ALA A 28 21.47 6.87 -1.43
C ALA A 28 20.26 6.96 -0.50
N ASN A 29 19.45 8.01 -0.66
CA ASN A 29 18.33 8.21 0.24
C ASN A 29 17.01 7.79 -0.39
N ILE A 30 17.06 7.18 -1.58
CA ILE A 30 15.85 6.71 -2.22
C ILE A 30 15.62 5.25 -1.87
N GLY A 31 14.98 5.00 -0.74
CA GLY A 31 14.79 3.69 -0.21
C GLY A 31 13.85 3.68 0.98
N PHE A 32 13.51 2.49 1.44
CA PHE A 32 12.44 2.29 2.39
C PHE A 32 12.69 2.98 3.73
N SER A 33 13.93 3.01 4.19
CA SER A 33 14.22 3.57 5.51
C SER A 33 14.22 5.10 5.52
N THR A 34 14.26 5.81 4.37
CA THR A 34 14.52 7.23 4.29
C THR A 34 13.55 8.01 3.41
N LEU A 35 12.68 7.30 2.67
CA LEU A 35 11.75 7.94 1.75
C LEU A 35 10.37 7.33 2.00
N THR A 36 9.39 8.21 2.22
CA THR A 36 8.02 7.79 2.48
C THR A 36 7.09 8.49 1.51
N MET A 37 6.00 7.74 1.17
CA MET A 37 4.95 8.24 0.30
C MET A 37 3.64 7.64 0.81
N GLU A 38 3.00 8.38 1.71
CA GLU A 38 1.86 7.90 2.47
C GLU A 38 0.56 8.08 1.67
N SER A 39 0.61 8.90 0.65
CA SER A 39 -0.46 9.10 -0.33
C SER A 39 0.15 9.70 -1.59
N ASP A 40 -0.67 9.95 -2.63
CA ASP A 40 -0.17 10.55 -3.84
C ASP A 40 0.09 12.03 -3.76
N LYS A 41 -0.03 12.62 -2.57
CA LYS A 41 0.06 14.06 -2.45
C LYS A 41 1.46 14.56 -2.15
N PHE A 42 2.30 13.75 -1.52
CA PHE A 42 3.59 14.16 -1.01
C PHE A 42 4.58 13.01 -1.07
N ILE A 43 5.87 13.30 -1.22
CA ILE A 43 6.97 12.42 -0.93
C ILE A 43 7.89 13.09 0.09
N CYS A 44 8.32 12.35 1.09
CA CYS A 44 9.14 12.88 2.16
C CYS A 44 10.44 12.08 2.20
N ILE A 45 11.59 12.79 2.21
CA ILE A 45 12.90 12.16 2.22
C ILE A 45 13.75 12.70 3.36
N ARG A 46 14.36 11.82 4.11
CA ARG A 46 15.35 12.21 5.11
C ARG A 46 16.75 12.10 4.49
N GLU A 47 17.54 13.17 4.60
CA GLU A 47 18.88 13.16 4.02
C GLU A 47 19.85 13.76 5.02
N LYS A 48 21.03 13.18 5.15
CA LYS A 48 22.08 13.77 5.97
C LYS A 48 23.08 14.39 5.01
N VAL A 49 23.01 15.71 4.86
CA VAL A 49 23.93 16.49 4.03
C VAL A 49 25.07 16.99 4.91
N GLY A 50 26.23 16.33 4.78
CA GLY A 50 27.36 16.56 5.67
C GLY A 50 27.02 16.00 7.04
N GLU A 51 27.14 16.83 8.09
CA GLU A 51 26.87 16.37 9.43
C GLU A 51 25.40 16.64 9.79
N GLN A 52 24.66 17.24 8.86
CA GLN A 52 23.35 17.77 9.21
C GLN A 52 22.17 17.01 8.59
N ALA A 53 21.34 16.47 9.48
CA ALA A 53 20.08 15.81 9.15
C ALA A 53 19.10 16.82 8.58
N GLN A 54 18.43 16.44 7.49
CA GLN A 54 17.46 17.29 6.84
C GLN A 54 16.25 16.46 6.42
N VAL A 55 15.11 17.14 6.38
CA VAL A 55 13.84 16.54 5.94
C VAL A 55 13.43 17.34 4.73
N VAL A 56 13.09 16.65 3.62
CA VAL A 56 12.69 17.25 2.37
C VAL A 56 11.25 16.80 2.06
N ILE A 57 10.38 17.73 1.70
CA ILE A 57 9.01 17.41 1.30
C ILE A 57 8.83 17.85 -0.14
N ILE A 58 8.42 16.89 -0.99
CA ILE A 58 8.03 17.19 -2.34
C ILE A 58 6.52 17.17 -2.41
N ASP A 59 5.96 18.35 -2.67
CA ASP A 59 4.55 18.51 -2.93
C ASP A 59 4.27 18.10 -4.37
N MET A 60 3.50 17.04 -4.59
CA MET A 60 3.31 16.48 -5.92
C MET A 60 2.56 17.44 -6.84
N ASN A 61 1.91 18.44 -6.24
CA ASN A 61 1.23 19.47 -7.01
C ASN A 61 2.19 20.64 -7.31
N ASP A 62 3.38 20.69 -6.72
CA ASP A 62 4.35 21.76 -6.95
C ASP A 62 5.76 21.20 -6.83
N PRO A 63 6.11 20.16 -7.62
CA PRO A 63 7.32 19.38 -7.32
C PRO A 63 8.66 20.08 -7.51
N SER A 64 8.62 21.21 -8.26
N SER A 64 8.64 21.21 -8.27
CA SER A 64 9.82 21.96 -8.59
CA SER A 64 9.85 21.95 -8.58
C SER A 64 10.21 22.90 -7.45
C SER A 64 10.33 22.73 -7.35
N ASN A 65 9.45 22.89 -6.35
CA ASN A 65 9.80 23.64 -5.14
C ASN A 65 9.79 22.77 -3.88
N PRO A 66 10.76 21.83 -3.71
CA PRO A 66 10.86 21.02 -2.49
C PRO A 66 11.01 21.92 -1.27
N ILE A 67 10.37 21.53 -0.16
CA ILE A 67 10.49 22.17 1.14
C ILE A 67 11.60 21.43 1.89
N ARG A 68 12.67 22.13 2.31
CA ARG A 68 13.76 21.43 2.96
C ARG A 68 14.09 22.11 4.27
N ARG A 69 14.27 21.33 5.32
CA ARG A 69 14.54 21.90 6.63
C ARG A 69 15.55 21.06 7.38
N PRO A 70 16.45 21.74 8.16
CA PRO A 70 17.41 21.03 9.01
C PRO A 70 16.78 20.55 10.29
N ILE A 71 16.09 19.44 10.18
CA ILE A 71 15.31 18.84 11.24
C ILE A 71 15.79 17.42 11.31
N SER A 72 16.09 16.96 12.53
CA SER A 72 16.57 15.63 12.76
C SER A 72 15.41 14.76 13.23
N ALA A 73 15.27 13.62 12.57
CA ALA A 73 14.21 12.68 12.86
C ALA A 73 14.69 11.33 12.39
N ASP A 74 14.28 10.26 13.07
CA ASP A 74 14.59 8.89 12.68
CA ASP A 74 14.64 8.93 12.61
C ASP A 74 13.62 8.43 11.59
N SER A 75 12.47 9.10 11.51
CA SER A 75 11.41 8.79 10.54
C SER A 75 10.49 9.99 10.38
N ALA A 76 9.96 10.19 9.14
CA ALA A 76 9.12 11.34 8.85
C ALA A 76 8.06 10.89 7.84
N ILE A 77 6.77 11.10 8.16
CA ILE A 77 5.65 10.69 7.32
C ILE A 77 4.64 11.82 7.23
N MET A 78 4.41 12.27 6.00
CA MET A 78 3.38 13.25 5.75
C MET A 78 1.98 12.69 5.84
N ASN A 79 1.06 13.51 6.34
CA ASN A 79 -0.35 13.21 6.37
C ASN A 79 -0.80 12.90 4.94
N PRO A 80 -1.81 12.04 4.74
CA PRO A 80 -2.28 11.72 3.39
C PRO A 80 -2.87 12.92 2.64
N ALA A 81 -3.42 13.89 3.36
CA ALA A 81 -4.10 14.99 2.66
C ALA A 81 -3.71 16.40 3.08
N SER A 82 -3.35 16.62 4.32
CA SER A 82 -3.10 17.93 4.91
CA SER A 82 -3.11 17.97 4.76
C SER A 82 -1.61 18.20 4.95
N LYS A 83 -1.21 19.47 5.04
CA LYS A 83 0.18 19.83 5.26
C LYS A 83 0.52 19.69 6.74
N VAL A 84 0.57 18.44 7.14
CA VAL A 84 0.79 17.99 8.50
C VAL A 84 1.82 16.87 8.41
N ILE A 85 2.78 16.83 9.31
CA ILE A 85 3.82 15.79 9.29
C ILE A 85 3.94 15.14 10.68
N ALA A 86 4.17 13.85 10.72
CA ALA A 86 4.56 13.15 11.93
C ALA A 86 6.05 12.84 11.88
N LEU A 87 6.77 13.16 12.98
CA LEU A 87 8.21 12.99 13.11
C LEU A 87 8.50 12.21 14.36
N LYS A 88 9.52 11.36 14.32
CA LYS A 88 9.92 10.71 15.54
C LYS A 88 11.42 10.74 15.72
N ALA A 89 11.82 10.75 16.99
CA ALA A 89 13.21 10.74 17.39
C ALA A 89 13.29 9.93 18.67
N GLY A 90 13.81 8.71 18.57
CA GLY A 90 13.75 7.77 19.66
C GLY A 90 12.28 7.44 19.98
N LYS A 91 11.92 7.51 21.26
CA LYS A 91 10.58 7.16 21.68
C LYS A 91 9.66 8.37 21.67
N THR A 92 10.14 9.53 21.22
CA THR A 92 9.38 10.77 21.22
C THR A 92 8.75 10.97 19.84
N LEU A 93 7.43 11.07 19.81
CA LEU A 93 6.67 11.26 18.57
C LEU A 93 6.12 12.66 18.58
N GLN A 94 6.10 13.35 17.43
CA GLN A 94 5.37 14.59 17.35
C GLN A 94 4.67 14.77 16.01
N ILE A 95 3.55 15.46 16.07
CA ILE A 95 2.80 15.80 14.89
C ILE A 95 2.84 17.31 14.80
N PHE A 96 3.17 17.81 13.61
CA PHE A 96 3.46 19.22 13.39
C PHE A 96 2.59 19.73 12.27
N ASN A 97 1.97 20.90 12.45
CA ASN A 97 1.14 21.55 11.48
C ASN A 97 2.03 22.46 10.64
N ILE A 98 2.45 22.00 9.45
CA ILE A 98 3.29 22.81 8.59
C ILE A 98 2.59 24.08 8.14
N GLU A 99 1.31 23.97 7.76
CA GLU A 99 0.63 25.10 7.23
C GLU A 99 0.64 26.29 8.21
N MET A 100 0.47 25.98 9.51
CA MET A 100 0.37 27.02 10.53
C MET A 100 1.66 27.12 11.34
N LYS A 101 2.71 26.44 10.89
CA LYS A 101 4.05 26.53 11.46
C LYS A 101 4.02 26.29 12.96
N SER A 102 3.24 25.33 13.41
CA SER A 102 2.95 25.08 14.82
C SER A 102 2.92 23.60 15.15
N LYS A 103 3.36 23.29 16.35
CA LYS A 103 3.20 21.96 16.89
C LYS A 103 1.75 21.62 17.12
N MET A 104 1.36 20.36 16.87
CA MET A 104 0.00 19.94 17.12
C MET A 104 -0.09 19.06 18.35
N LYS A 105 0.71 18.00 18.40
CA LYS A 105 0.55 16.98 19.44
C LYS A 105 1.90 16.31 19.60
N ALA A 106 2.18 15.79 20.80
CA ALA A 106 3.36 15.02 21.10
C ALA A 106 3.04 13.86 22.03
N HIS A 107 3.81 12.78 21.94
CA HIS A 107 3.67 11.64 22.85
C HIS A 107 5.02 10.97 22.98
N THR A 108 5.38 10.54 24.20
CA THR A 108 6.54 9.71 24.42
C THR A 108 6.12 8.29 24.78
N MET A 109 6.58 7.33 23.95
CA MET A 109 6.28 5.94 24.12
C MET A 109 7.24 5.38 25.17
N THR A 110 6.89 4.20 25.66
CA THR A 110 7.83 3.46 26.51
C THR A 110 8.55 2.41 25.67
N ASP A 111 7.97 2.01 24.53
CA ASP A 111 8.57 1.04 23.63
C ASP A 111 8.89 1.74 22.30
N ASP A 112 10.02 1.39 21.69
CA ASP A 112 10.38 1.92 20.39
C ASP A 112 9.30 1.57 19.35
N VAL A 113 9.02 2.54 18.48
CA VAL A 113 8.13 2.35 17.32
C VAL A 113 8.99 1.95 16.14
N THR A 114 8.84 0.70 15.67
CA THR A 114 9.67 0.19 14.59
C THR A 114 9.07 0.45 13.21
N PHE A 115 7.77 0.79 13.17
CA PHE A 115 7.10 1.05 11.91
C PHE A 115 5.91 1.93 12.27
N TRP A 116 5.60 2.90 11.39
CA TRP A 116 4.39 3.66 11.55
C TRP A 116 3.90 4.11 10.18
N LYS A 117 2.60 4.42 10.12
CA LYS A 117 1.94 4.78 8.88
C LYS A 117 0.64 5.49 9.19
N TRP A 118 0.34 6.50 8.37
CA TRP A 118 -0.98 7.10 8.39
C TRP A 118 -1.97 6.11 7.81
N ILE A 119 -3.09 5.88 8.49
CA ILE A 119 -4.13 4.96 8.03
C ILE A 119 -5.40 5.71 7.59
N SER A 120 -5.45 7.02 7.82
CA SER A 120 -6.58 7.85 7.47
C SER A 120 -6.12 9.29 7.38
N LEU A 121 -7.07 10.18 7.11
CA LEU A 121 -6.72 11.59 7.07
C LEU A 121 -6.34 12.13 8.45
N ASN A 122 -6.61 11.39 9.53
CA ASN A 122 -6.38 11.94 10.85
C ASN A 122 -5.75 10.98 11.85
N THR A 123 -5.33 9.75 11.44
CA THR A 123 -4.86 8.75 12.39
C THR A 123 -3.56 8.13 11.89
N VAL A 124 -2.62 8.02 12.82
CA VAL A 124 -1.39 7.33 12.51
CA VAL A 124 -1.32 7.38 12.62
C VAL A 124 -1.35 6.04 13.33
N ALA A 125 -0.94 4.95 12.67
CA ALA A 125 -0.76 3.66 13.33
C ALA A 125 0.71 3.50 13.72
N LEU A 126 0.94 2.99 14.95
CA LEU A 126 2.25 2.83 15.55
C LEU A 126 2.43 1.36 15.78
N VAL A 127 3.55 0.80 15.32
CA VAL A 127 3.89 -0.59 15.55
C VAL A 127 5.16 -0.67 16.40
N THR A 128 5.06 -1.32 17.55
CA THR A 128 6.21 -1.60 18.39
C THR A 128 6.58 -3.06 18.18
N ASP A 129 7.59 -3.55 18.91
CA ASP A 129 7.89 -4.97 18.85
CA ASP A 129 7.92 -4.96 18.87
C ASP A 129 6.75 -5.82 19.35
N ASN A 130 5.88 -5.28 20.21
CA ASN A 130 4.88 -6.17 20.80
C ASN A 130 3.42 -5.77 20.60
N ALA A 131 3.13 -4.61 19.94
CA ALA A 131 1.74 -4.20 19.83
C ALA A 131 1.56 -3.20 18.71
N VAL A 132 0.28 -2.91 18.43
CA VAL A 132 -0.08 -1.90 17.45
C VAL A 132 -1.08 -0.94 18.09
N TYR A 133 -0.86 0.34 17.88
CA TYR A 133 -1.61 1.46 18.43
C TYR A 133 -2.15 2.32 17.29
N HIS A 134 -3.26 3.02 17.55
CA HIS A 134 -3.76 4.05 16.67
C HIS A 134 -3.74 5.37 17.44
N TRP A 135 -3.19 6.39 16.81
CA TRP A 135 -3.02 7.70 17.43
C TRP A 135 -3.71 8.75 16.56
N SER A 136 -4.78 9.38 17.07
CA SER A 136 -5.38 10.51 16.41
C SER A 136 -4.48 11.73 16.42
N MET A 137 -4.48 12.50 15.35
CA MET A 137 -3.74 13.75 15.32
C MET A 137 -4.54 14.88 15.94
N GLU A 138 -5.79 14.63 16.31
CA GLU A 138 -6.68 15.67 16.83
C GLU A 138 -6.79 15.55 18.33
N GLY A 139 -7.08 16.68 18.98
CA GLY A 139 -7.45 16.63 20.38
C GLY A 139 -6.25 16.25 21.24
N GLU A 140 -6.52 15.77 22.47
CA GLU A 140 -5.47 15.54 23.42
C GLU A 140 -5.04 14.07 23.51
N SER A 141 -5.76 13.18 22.83
CA SER A 141 -5.69 11.75 23.09
C SER A 141 -4.31 11.16 22.86
N GLN A 142 -3.95 10.24 23.75
CA GLN A 142 -2.73 9.44 23.61
C GLN A 142 -3.00 8.31 22.61
N PRO A 143 -1.95 7.65 22.10
CA PRO A 143 -2.17 6.45 21.28
C PRO A 143 -3.00 5.45 22.06
N VAL A 144 -3.82 4.69 21.34
CA VAL A 144 -4.64 3.67 21.94
C VAL A 144 -4.19 2.31 21.40
N LYS A 145 -3.92 1.35 22.29
CA LYS A 145 -3.55 0.02 21.86
C LYS A 145 -4.74 -0.68 21.20
N MET A 146 -4.50 -1.18 19.98
CA MET A 146 -5.50 -1.92 19.25
C MET A 146 -5.40 -3.44 19.44
N PHE A 147 -4.17 -3.95 19.44
CA PHE A 147 -3.95 -5.35 19.62
C PHE A 147 -2.50 -5.65 19.94
N ASP A 148 -2.29 -6.83 20.54
CA ASP A 148 -0.96 -7.35 20.78
C ASP A 148 -0.49 -8.17 19.57
N ARG A 149 0.80 -8.05 19.27
CA ARG A 149 1.37 -8.74 18.13
C ARG A 149 1.44 -10.23 18.35
N HIS A 150 1.14 -10.99 17.29
CA HIS A 150 1.20 -12.44 17.26
C HIS A 150 2.64 -12.91 17.14
N SER A 151 2.93 -14.04 17.80
CA SER A 151 4.29 -14.59 17.84
C SER A 151 4.85 -14.94 16.47
N SER A 152 3.98 -15.23 15.50
CA SER A 152 4.40 -15.55 14.13
C SER A 152 5.15 -14.41 13.44
N LEU A 153 4.97 -13.17 13.91
CA LEU A 153 5.68 -12.04 13.36
C LEU A 153 6.93 -11.68 14.14
N ALA A 154 7.30 -12.43 15.17
CA ALA A 154 8.45 -12.03 15.96
C ALA A 154 9.73 -12.05 15.16
N GLY A 155 10.51 -10.98 15.17
CA GLY A 155 11.78 -10.91 14.43
C GLY A 155 11.63 -10.48 12.97
N CYS A 156 10.40 -10.27 12.52
N CYS A 156 10.41 -10.31 12.48
CA CYS A 156 10.17 -9.87 11.14
CA CYS A 156 10.25 -9.96 11.08
C CYS A 156 10.57 -8.41 10.96
C CYS A 156 10.47 -8.46 10.91
N GLN A 157 10.91 -8.05 9.70
CA GLN A 157 10.90 -6.68 9.30
C GLN A 157 9.43 -6.36 8.97
N ILE A 158 8.87 -5.38 9.69
CA ILE A 158 7.52 -4.90 9.35
C ILE A 158 7.58 -4.05 8.08
N ILE A 159 6.67 -4.39 7.13
CA ILE A 159 6.68 -3.71 5.86
C ILE A 159 5.37 -2.99 5.58
N ASN A 160 4.28 -3.35 6.29
CA ASN A 160 3.02 -2.67 6.01
C ASN A 160 2.06 -2.83 7.17
N TYR A 161 1.12 -1.88 7.26
CA TYR A 161 -0.03 -1.99 8.17
C TYR A 161 -1.18 -1.25 7.47
N ARG A 162 -2.35 -1.88 7.46
CA ARG A 162 -3.49 -1.26 6.82
C ARG A 162 -4.76 -1.85 7.38
N THR A 163 -5.86 -1.15 7.05
CA THR A 163 -7.17 -1.44 7.62
C THR A 163 -8.21 -1.43 6.53
N ASP A 164 -9.36 -1.99 6.84
CA ASP A 164 -10.56 -1.72 6.05
C ASP A 164 -11.04 -0.29 6.34
N ALA A 165 -12.01 0.15 5.51
CA ALA A 165 -12.49 1.52 5.62
C ALA A 165 -13.04 1.86 7.00
N LYS A 166 -13.70 0.88 7.63
CA LYS A 166 -14.38 1.07 8.90
C LYS A 166 -13.48 0.85 10.11
N GLN A 167 -12.20 0.44 9.89
CA GLN A 167 -11.22 0.25 10.95
C GLN A 167 -11.71 -0.81 11.92
N LYS A 168 -12.33 -1.83 11.35
CA LYS A 168 -12.68 -3.02 12.12
C LYS A 168 -11.82 -4.26 11.82
N TRP A 169 -11.09 -4.26 10.70
CA TRP A 169 -10.22 -5.35 10.28
C TRP A 169 -8.84 -4.73 10.08
N LEU A 170 -7.86 -5.18 10.86
CA LEU A 170 -6.54 -4.57 10.91
C LEU A 170 -5.53 -5.62 10.46
N LEU A 171 -4.58 -5.19 9.63
CA LEU A 171 -3.64 -6.13 9.05
C LEU A 171 -2.22 -5.63 9.17
N LEU A 172 -1.40 -6.43 9.87
CA LEU A 172 0.03 -6.15 10.00
C LEU A 172 0.81 -7.17 9.18
N THR A 173 1.77 -6.68 8.38
CA THR A 173 2.55 -7.52 7.47
C THR A 173 4.03 -7.35 7.76
N GLY A 174 4.71 -8.51 7.88
CA GLY A 174 6.17 -8.52 8.00
C GLY A 174 6.76 -9.58 7.09
N ILE A 175 8.09 -9.47 6.92
CA ILE A 175 8.83 -10.49 6.19
C ILE A 175 10.04 -10.89 7.03
N SER A 176 10.52 -12.10 6.76
CA SER A 176 11.76 -12.56 7.34
C SER A 176 12.52 -13.35 6.28
N ALA A 177 13.82 -13.47 6.54
CA ALA A 177 14.70 -14.27 5.70
C ALA A 177 14.81 -15.65 6.33
N GLN A 178 14.30 -16.67 5.67
CA GLN A 178 14.38 -18.04 6.17
C GLN A 178 15.30 -18.74 5.18
N GLN A 179 16.54 -18.96 5.59
CA GLN A 179 17.59 -19.34 4.66
C GLN A 179 17.62 -18.34 3.52
N ASN A 180 17.45 -18.80 2.28
CA ASN A 180 17.52 -17.92 1.11
C ASN A 180 16.14 -17.50 0.57
N ARG A 181 15.09 -17.71 1.37
CA ARG A 181 13.72 -17.36 1.01
C ARG A 181 13.22 -16.18 1.82
N VAL A 182 12.35 -15.37 1.20
CA VAL A 182 11.68 -14.27 1.86
C VAL A 182 10.24 -14.68 2.16
N VAL A 183 9.97 -14.87 3.45
CA VAL A 183 8.70 -15.45 3.89
C VAL A 183 7.87 -14.34 4.53
N GLY A 184 6.64 -14.23 3.99
CA GLY A 184 5.72 -13.22 4.50
C GLY A 184 4.88 -13.75 5.67
N ALA A 185 4.64 -12.89 6.65
CA ALA A 185 3.83 -13.26 7.79
C ALA A 185 2.90 -12.07 8.04
N MET A 186 1.60 -12.38 8.07
CA MET A 186 0.57 -11.39 8.34
C MET A 186 -0.16 -11.78 9.63
N GLN A 187 -0.70 -10.74 10.22
CA GLN A 187 -1.61 -10.84 11.36
C GLN A 187 -2.88 -10.07 10.99
N LEU A 188 -3.98 -10.80 10.83
CA LEU A 188 -5.28 -10.21 10.63
C LEU A 188 -5.98 -10.15 11.98
N TYR A 189 -6.36 -8.94 12.42
CA TYR A 189 -7.08 -8.79 13.69
C TYR A 189 -8.48 -8.24 13.47
N SER A 190 -9.43 -8.87 14.17
CA SER A 190 -10.81 -8.43 14.19
C SER A 190 -11.05 -7.58 15.43
N VAL A 191 -11.38 -6.29 15.25
CA VAL A 191 -11.60 -5.37 16.38
C VAL A 191 -12.81 -5.85 17.19
N ASP A 192 -13.84 -6.30 16.50
CA ASP A 192 -15.08 -6.68 17.14
C ASP A 192 -14.91 -8.00 17.88
N ARG A 193 -14.24 -8.99 17.25
CA ARG A 193 -14.17 -10.32 17.85
C ARG A 193 -12.99 -10.44 18.81
N LYS A 194 -12.05 -9.50 18.75
CA LYS A 194 -10.82 -9.51 19.52
C LYS A 194 -10.05 -10.83 19.29
N VAL A 195 -9.95 -11.23 18.00
CA VAL A 195 -9.27 -12.45 17.57
C VAL A 195 -8.25 -12.05 16.49
N SER A 196 -7.08 -12.69 16.56
CA SER A 196 -6.02 -12.62 15.54
C SER A 196 -5.94 -13.90 14.75
N GLN A 197 -5.64 -13.79 13.44
CA GLN A 197 -5.44 -14.93 12.59
C GLN A 197 -4.09 -14.73 11.91
N PRO A 198 -3.14 -15.68 12.05
CA PRO A 198 -1.86 -15.61 11.35
C PRO A 198 -2.06 -16.14 9.95
N ILE A 199 -1.48 -15.43 8.95
CA ILE A 199 -1.65 -15.81 7.56
C ILE A 199 -0.30 -15.65 6.89
N GLU A 200 0.11 -16.62 6.10
CA GLU A 200 1.30 -16.45 5.26
C GLU A 200 0.92 -15.62 4.03
N GLY A 201 1.49 -14.42 3.95
CA GLY A 201 1.19 -13.51 2.86
C GLY A 201 2.29 -12.48 2.71
N HIS A 202 2.43 -11.98 1.46
CA HIS A 202 3.43 -11.00 1.09
C HIS A 202 2.92 -9.57 0.94
N ALA A 203 1.71 -9.44 0.39
CA ALA A 203 1.12 -8.13 0.12
C ALA A 203 -0.41 -8.25 0.14
N ALA A 204 -1.10 -7.18 0.53
CA ALA A 204 -2.55 -7.24 0.72
C ALA A 204 -3.16 -5.86 0.71
N SER A 205 -4.51 -5.87 0.58
CA SER A 205 -5.33 -4.69 0.70
C SER A 205 -6.75 -5.12 1.06
N PHE A 206 -7.48 -4.16 1.58
CA PHE A 206 -8.92 -4.31 1.71
C PHE A 206 -9.61 -3.62 0.56
N ALA A 207 -10.90 -3.91 0.35
CA ALA A 207 -11.71 -3.24 -0.65
C ALA A 207 -13.16 -3.37 -0.26
N GLN A 208 -13.95 -2.40 -0.70
CA GLN A 208 -15.41 -2.50 -0.65
C GLN A 208 -15.94 -2.84 -2.04
N PHE A 209 -16.86 -3.81 -2.13
CA PHE A 209 -17.33 -4.31 -3.40
C PHE A 209 -18.81 -4.64 -3.28
N LYS A 210 -19.61 -4.06 -4.18
CA LYS A 210 -21.05 -4.36 -4.16
C LYS A 210 -21.37 -5.46 -5.17
N MET A 211 -21.66 -6.64 -4.68
CA MET A 211 -22.02 -7.79 -5.49
C MET A 211 -23.36 -7.53 -6.19
N GLU A 212 -23.45 -8.04 -7.42
CA GLU A 212 -24.72 -8.11 -8.12
C GLU A 212 -25.70 -8.86 -7.23
N GLY A 213 -26.88 -8.27 -7.07
CA GLY A 213 -27.96 -8.89 -6.32
C GLY A 213 -27.97 -8.48 -4.86
N ASN A 214 -26.87 -7.86 -4.41
CA ASN A 214 -26.82 -7.30 -3.07
C ASN A 214 -27.01 -5.80 -3.09
N ALA A 215 -27.72 -5.32 -2.07
CA ALA A 215 -27.97 -3.92 -1.86
C ALA A 215 -26.79 -3.22 -1.19
N GLU A 216 -26.00 -3.94 -0.39
CA GLU A 216 -24.95 -3.32 0.42
C GLU A 216 -23.60 -3.88 0.01
N GLU A 217 -22.54 -3.07 0.18
CA GLU A 217 -21.19 -3.50 -0.08
C GLU A 217 -20.74 -4.63 0.86
N SER A 218 -19.86 -5.46 0.30
CA SER A 218 -19.09 -6.49 0.98
C SER A 218 -17.72 -5.89 1.31
N THR A 219 -17.16 -6.20 2.49
CA THR A 219 -15.80 -5.83 2.84
C THR A 219 -14.92 -7.02 2.49
N LEU A 220 -14.00 -6.81 1.51
CA LEU A 220 -13.12 -7.84 1.01
C LEU A 220 -11.69 -7.61 1.49
N PHE A 221 -11.04 -8.73 1.67
CA PHE A 221 -9.62 -8.81 2.04
C PHE A 221 -8.96 -9.59 0.93
N CYS A 222 -7.95 -8.99 0.29
CA CYS A 222 -7.22 -9.62 -0.80
CA CYS A 222 -7.21 -9.61 -0.80
C CYS A 222 -5.74 -9.70 -0.41
N PHE A 223 -5.16 -10.89 -0.53
CA PHE A 223 -3.73 -11.02 -0.25
C PHE A 223 -3.12 -11.96 -1.26
N ALA A 224 -1.83 -11.68 -1.51
CA ALA A 224 -1.01 -12.45 -2.42
C ALA A 224 0.24 -12.94 -1.71
N VAL A 225 0.65 -14.14 -2.10
CA VAL A 225 1.78 -14.80 -1.46
C VAL A 225 2.51 -15.62 -2.52
N ARG A 226 3.83 -15.74 -2.32
CA ARG A 226 4.59 -16.77 -3.02
C ARG A 226 5.22 -17.68 -1.98
N GLY A 227 4.57 -18.80 -1.74
CA GLY A 227 5.06 -19.73 -0.74
C GLY A 227 5.61 -20.99 -1.42
N GLN A 228 5.59 -22.08 -0.64
CA GLN A 228 6.06 -23.40 -1.09
C GLN A 228 5.22 -23.91 -2.26
N ALA A 229 3.94 -23.56 -2.27
CA ALA A 229 3.00 -23.95 -3.32
C ALA A 229 3.04 -23.03 -4.56
N GLY A 230 3.95 -22.05 -4.60
CA GLY A 230 4.01 -21.09 -5.70
C GLY A 230 3.16 -19.86 -5.38
N GLY A 231 2.94 -19.05 -6.41
CA GLY A 231 2.20 -17.80 -6.25
C GLY A 231 0.69 -18.04 -6.19
N LYS A 232 0.04 -17.35 -5.24
CA LYS A 232 -1.39 -17.44 -5.05
C LYS A 232 -1.93 -16.09 -4.64
N LEU A 233 -3.17 -15.82 -5.07
CA LEU A 233 -3.93 -14.64 -4.69
C LEU A 233 -5.26 -15.13 -4.16
N HIS A 234 -5.68 -14.54 -3.07
CA HIS A 234 -6.93 -14.90 -2.43
C HIS A 234 -7.74 -13.63 -2.26
N ILE A 235 -9.08 -13.78 -2.44
CA ILE A 235 -10.01 -12.69 -2.24
C ILE A 235 -11.15 -13.25 -1.40
N ILE A 236 -11.33 -12.68 -0.22
CA ILE A 236 -12.25 -13.26 0.75
C ILE A 236 -13.04 -12.14 1.39
N GLU A 237 -14.33 -12.36 1.69
CA GLU A 237 -15.07 -11.44 2.55
C GLU A 237 -14.68 -11.60 4.02
N VAL A 238 -14.53 -10.49 4.74
CA VAL A 238 -14.31 -10.54 6.18
C VAL A 238 -15.51 -9.89 6.89
N GLY A 239 -15.76 -10.37 8.12
CA GLY A 239 -16.77 -9.75 8.97
C GLY A 239 -18.15 -10.25 8.57
N THR A 240 -19.13 -9.96 9.43
CA THR A 240 -20.48 -10.41 9.16
C THR A 240 -20.95 -9.77 7.86
N PRO A 241 -21.54 -10.52 6.90
CA PRO A 241 -22.18 -9.91 5.71
C PRO A 241 -23.36 -9.08 6.19
N PRO A 242 -23.52 -7.87 5.65
CA PRO A 242 -24.69 -7.06 5.94
C PRO A 242 -25.93 -7.95 5.79
N THR A 243 -26.89 -7.68 6.68
CA THR A 243 -28.17 -8.39 6.61
C THR A 243 -28.79 -8.15 5.24
N GLY A 244 -29.20 -9.24 4.59
CA GLY A 244 -29.84 -9.23 3.29
C GLY A 244 -28.84 -9.56 2.17
N ASN A 245 -27.57 -9.50 2.53
CA ASN A 245 -26.56 -9.83 1.52
C ASN A 245 -26.35 -11.34 1.39
N GLN A 246 -26.09 -11.75 0.15
CA GLN A 246 -25.45 -13.04 -0.05
C GLN A 246 -23.95 -12.89 0.25
N PRO A 247 -23.31 -13.95 0.76
CA PRO A 247 -21.86 -13.93 1.06
C PRO A 247 -21.08 -13.92 -0.26
N PHE A 248 -19.93 -13.23 -0.22
CA PHE A 248 -19.05 -13.25 -1.39
C PHE A 248 -18.33 -14.58 -1.46
N PRO A 249 -18.42 -15.33 -2.55
CA PRO A 249 -17.68 -16.59 -2.67
C PRO A 249 -16.17 -16.32 -2.69
N LYS A 250 -15.44 -17.00 -1.82
CA LYS A 250 -13.98 -16.83 -1.78
C LYS A 250 -13.37 -17.22 -3.12
N LYS A 251 -12.36 -16.42 -3.58
CA LYS A 251 -11.65 -16.67 -4.81
C LYS A 251 -10.18 -16.97 -4.49
N ALA A 252 -9.62 -17.89 -5.26
CA ALA A 252 -8.23 -18.30 -5.12
C ALA A 252 -7.70 -18.56 -6.52
N VAL A 253 -6.66 -17.78 -6.92
CA VAL A 253 -6.10 -17.93 -8.25
C VAL A 253 -4.56 -17.90 -8.19
N ASP A 254 -3.90 -18.43 -9.22
CA ASP A 254 -2.44 -18.41 -9.28
C ASP A 254 -1.92 -17.01 -9.58
N VAL A 255 -0.75 -16.75 -9.00
CA VAL A 255 0.05 -15.59 -9.37
C VAL A 255 1.31 -16.11 -10.09
N PHE A 256 1.44 -15.75 -11.36
CA PHE A 256 2.47 -16.27 -12.24
C PHE A 256 3.80 -15.54 -12.09
N PHE A 257 4.89 -16.32 -12.09
CA PHE A 257 6.25 -15.82 -12.21
C PHE A 257 6.91 -16.58 -13.36
N PRO A 258 7.58 -15.88 -14.27
CA PRO A 258 8.28 -16.55 -15.38
C PRO A 258 9.48 -17.31 -14.84
N PRO A 259 10.02 -18.25 -15.65
CA PRO A 259 11.08 -19.12 -15.17
C PRO A 259 12.35 -18.39 -14.74
N GLU A 260 12.64 -17.25 -15.36
CA GLU A 260 13.81 -16.45 -15.02
C GLU A 260 13.59 -15.62 -13.74
N ALA A 261 12.42 -15.81 -13.08
CA ALA A 261 12.11 -14.93 -11.93
C ALA A 261 11.79 -15.77 -10.68
N GLN A 262 12.57 -16.85 -10.45
CA GLN A 262 12.32 -17.78 -9.34
C GLN A 262 12.41 -17.09 -7.97
N ASN A 263 13.13 -15.96 -7.86
CA ASN A 263 13.35 -15.26 -6.64
C ASN A 263 12.49 -14.00 -6.50
N ASP A 264 11.60 -13.75 -7.47
CA ASP A 264 10.64 -12.68 -7.35
C ASP A 264 9.49 -13.08 -6.41
N PHE A 265 8.82 -12.07 -5.86
CA PHE A 265 7.71 -12.27 -4.97
C PHE A 265 6.89 -10.99 -4.86
N PRO A 266 5.63 -11.05 -4.40
CA PRO A 266 4.85 -9.81 -4.24
C PRO A 266 5.39 -8.88 -3.19
N VAL A 267 5.30 -7.57 -3.45
CA VAL A 267 5.71 -6.56 -2.46
C VAL A 267 4.65 -5.49 -2.20
N ALA A 268 3.66 -5.28 -3.09
CA ALA A 268 2.76 -4.14 -2.87
C ALA A 268 1.45 -4.46 -3.55
N MET A 269 0.37 -3.91 -3.00
CA MET A 269 -0.96 -4.08 -3.57
C MET A 269 -1.77 -2.81 -3.33
N GLN A 270 -2.52 -2.41 -4.38
CA GLN A 270 -3.54 -1.37 -4.20
C GLN A 270 -4.74 -1.78 -5.03
N ILE A 271 -5.93 -1.39 -4.61
CA ILE A 271 -7.15 -1.81 -5.30
C ILE A 271 -7.90 -0.61 -5.78
N SER A 272 -8.27 -0.59 -7.07
CA SER A 272 -9.13 0.45 -7.63
C SER A 272 -10.58 0.29 -7.14
N GLU A 273 -11.01 1.38 -6.48
CA GLU A 273 -12.36 1.61 -6.00
C GLU A 273 -13.28 1.65 -7.21
N LYS A 274 -12.87 2.38 -8.23
CA LYS A 274 -13.75 2.65 -9.38
C LYS A 274 -13.88 1.44 -10.30
N HIS A 275 -12.77 0.71 -10.55
CA HIS A 275 -12.70 -0.30 -11.57
C HIS A 275 -12.78 -1.73 -11.05
N ASP A 276 -12.73 -1.89 -9.73
CA ASP A 276 -12.75 -3.18 -9.09
C ASP A 276 -11.66 -4.07 -9.68
N VAL A 277 -10.44 -3.51 -9.66
CA VAL A 277 -9.23 -4.16 -10.14
CA VAL A 277 -9.26 -4.26 -10.09
C VAL A 277 -8.18 -4.13 -9.03
N VAL A 278 -7.47 -5.23 -8.87
CA VAL A 278 -6.34 -5.34 -7.96
C VAL A 278 -5.07 -5.08 -8.76
N PHE A 279 -4.23 -4.17 -8.29
CA PHE A 279 -2.88 -3.98 -8.80
C PHE A 279 -1.92 -4.62 -7.81
N LEU A 280 -1.10 -5.52 -8.36
CA LEU A 280 -0.08 -6.22 -7.59
C LEU A 280 1.28 -5.88 -8.19
N ILE A 281 2.24 -5.42 -7.33
CA ILE A 281 3.60 -5.17 -7.76
C ILE A 281 4.54 -6.18 -7.13
N THR A 282 5.47 -6.71 -7.93
CA THR A 282 6.49 -7.65 -7.48
C THR A 282 7.81 -6.93 -7.22
N LYS A 283 8.64 -7.63 -6.44
CA LYS A 283 9.98 -7.15 -6.09
C LYS A 283 10.78 -6.79 -7.31
N TYR A 284 10.68 -7.60 -8.39
CA TYR A 284 11.45 -7.31 -9.61
C TYR A 284 10.92 -6.19 -10.46
N GLY A 285 9.74 -5.62 -10.11
CA GLY A 285 9.20 -4.50 -10.86
C GLY A 285 8.11 -4.88 -11.84
N TYR A 286 7.49 -6.05 -11.65
CA TYR A 286 6.36 -6.42 -12.49
C TYR A 286 5.06 -5.89 -11.87
N ILE A 287 4.12 -5.51 -12.74
CA ILE A 287 2.77 -5.25 -12.27
C ILE A 287 1.86 -6.33 -12.88
N HIS A 288 0.88 -6.72 -12.06
CA HIS A 288 -0.22 -7.59 -12.45
C HIS A 288 -1.53 -6.87 -12.12
N LEU A 289 -2.54 -7.05 -12.99
CA LEU A 289 -3.90 -6.64 -12.72
C LEU A 289 -4.80 -7.86 -12.59
N TYR A 290 -5.64 -7.92 -11.56
CA TYR A 290 -6.65 -8.96 -11.41
C TYR A 290 -8.00 -8.32 -11.21
N ASP A 291 -9.04 -8.99 -11.73
CA ASP A 291 -10.39 -8.63 -11.42
C ASP A 291 -10.69 -8.90 -9.95
N LEU A 292 -11.24 -7.93 -9.25
CA LEU A 292 -11.57 -8.13 -7.86
C LEU A 292 -12.68 -9.16 -7.66
N GLU A 293 -13.64 -9.20 -8.55
CA GLU A 293 -14.80 -10.04 -8.34
C GLU A 293 -14.44 -11.50 -8.51
N THR A 294 -13.65 -11.85 -9.54
CA THR A 294 -13.38 -13.25 -9.88
C THR A 294 -11.96 -13.69 -9.57
N GLY A 295 -11.04 -12.74 -9.44
CA GLY A 295 -9.62 -13.04 -9.41
C GLY A 295 -8.99 -13.22 -10.78
N THR A 296 -9.75 -13.10 -11.90
CA THR A 296 -9.19 -13.32 -13.22
C THR A 296 -7.97 -12.40 -13.46
N CYS A 297 -6.87 -12.97 -13.93
CA CYS A 297 -5.71 -12.16 -14.29
C CYS A 297 -5.93 -11.45 -15.61
N ILE A 298 -5.91 -10.13 -15.56
CA ILE A 298 -6.18 -9.29 -16.71
C ILE A 298 -4.90 -9.00 -17.49
N TYR A 299 -3.77 -8.77 -16.80
CA TYR A 299 -2.60 -8.21 -17.44
C TYR A 299 -1.39 -8.39 -16.55
N MET A 300 -0.23 -8.64 -17.19
CA MET A 300 1.04 -8.64 -16.48
C MET A 300 2.12 -8.03 -17.38
N ASN A 301 3.01 -7.24 -16.78
CA ASN A 301 4.16 -6.75 -17.50
C ASN A 301 5.22 -6.25 -16.53
N ARG A 302 6.50 -6.26 -16.95
CA ARG A 302 7.54 -5.64 -16.13
C ARG A 302 7.59 -4.15 -16.47
N ILE A 303 7.22 -3.28 -15.51
CA ILE A 303 7.07 -1.84 -15.74
C ILE A 303 8.23 -1.01 -15.17
N SER A 304 9.14 -1.63 -14.41
CA SER A 304 10.24 -0.91 -13.81
C SER A 304 11.47 -1.80 -13.79
N GLY A 305 12.61 -1.20 -14.13
CA GLY A 305 13.87 -1.90 -14.05
C GLY A 305 14.42 -1.99 -12.64
N GLU A 306 13.93 -1.17 -11.72
CA GLU A 306 14.33 -1.14 -10.33
C GLU A 306 13.17 -1.50 -9.43
N THR A 307 13.48 -2.05 -8.27
CA THR A 307 12.47 -2.35 -7.29
CA THR A 307 12.45 -2.37 -7.33
C THR A 307 11.67 -1.11 -6.95
N ILE A 308 10.34 -1.27 -6.83
CA ILE A 308 9.38 -0.26 -6.43
C ILE A 308 9.13 -0.53 -4.94
N PHE A 309 9.57 0.35 -4.04
CA PHE A 309 9.64 -0.01 -2.62
C PHE A 309 8.57 0.69 -1.78
N VAL A 310 7.77 1.56 -2.38
CA VAL A 310 6.68 2.26 -1.73
C VAL A 310 5.60 2.49 -2.78
N THR A 311 4.34 2.36 -2.40
CA THR A 311 3.21 2.64 -3.26
C THR A 311 2.09 3.31 -2.46
N ALA A 312 1.18 3.94 -3.21
CA ALA A 312 -0.05 4.52 -2.68
C ALA A 312 -1.13 4.43 -3.74
N PRO A 313 -2.40 4.55 -3.34
CA PRO A 313 -3.46 4.79 -4.31
C PRO A 313 -3.14 6.07 -5.11
N HIS A 314 -3.45 6.06 -6.39
CA HIS A 314 -3.36 7.23 -7.24
C HIS A 314 -4.81 7.67 -7.45
N GLU A 315 -5.19 8.72 -6.73
N GLU A 315 -5.25 8.68 -6.70
CA GLU A 315 -6.59 9.05 -6.50
CA GLU A 315 -6.68 8.88 -6.51
C GLU A 315 -7.32 9.37 -7.78
C GLU A 315 -7.36 9.39 -7.79
N ALA A 316 -6.75 10.27 -8.56
CA ALA A 316 -7.49 10.83 -9.71
C ALA A 316 -7.82 9.74 -10.73
N THR A 317 -6.91 8.77 -10.91
CA THR A 317 -7.08 7.71 -11.92
C THR A 317 -7.55 6.39 -11.31
N ALA A 318 -7.74 6.34 -9.99
CA ALA A 318 -8.05 5.13 -9.27
C ALA A 318 -7.04 4.06 -9.64
N GLY A 319 -5.77 4.47 -9.65
CA GLY A 319 -4.64 3.62 -10.01
C GLY A 319 -3.68 3.46 -8.82
N ILE A 320 -2.43 3.09 -9.15
CA ILE A 320 -1.39 2.86 -8.15
C ILE A 320 -0.19 3.71 -8.55
N ILE A 321 0.39 4.44 -7.58
CA ILE A 321 1.59 5.22 -7.83
C ILE A 321 2.68 4.69 -6.92
N GLY A 322 3.92 4.77 -7.35
CA GLY A 322 5.05 4.19 -6.62
C GLY A 322 6.37 4.86 -6.96
N VAL A 323 7.35 4.62 -6.11
CA VAL A 323 8.69 5.12 -6.29
C VAL A 323 9.61 3.91 -6.43
N ASN A 324 10.52 3.97 -7.42
CA ASN A 324 11.54 2.95 -7.55
C ASN A 324 12.90 3.40 -7.02
N ARG A 325 13.81 2.44 -6.91
CA ARG A 325 15.04 2.73 -6.19
C ARG A 325 15.95 3.72 -6.92
N LYS A 326 15.70 4.02 -8.17
CA LYS A 326 16.47 5.05 -8.86
C LYS A 326 15.78 6.41 -8.74
N GLY A 327 14.58 6.47 -8.18
CA GLY A 327 13.87 7.73 -8.01
C GLY A 327 12.81 8.03 -9.06
N GLN A 328 12.49 7.09 -9.93
CA GLN A 328 11.36 7.26 -10.84
C GLN A 328 10.06 7.14 -10.04
N VAL A 329 9.20 8.14 -10.16
CA VAL A 329 7.88 8.14 -9.61
C VAL A 329 6.95 7.80 -10.75
N LEU A 330 6.26 6.67 -10.66
CA LEU A 330 5.52 6.09 -11.78
C LEU A 330 4.15 5.69 -11.32
N SER A 331 3.20 5.60 -12.27
CA SER A 331 1.87 5.10 -11.95
C SER A 331 1.35 4.22 -13.07
N VAL A 332 0.38 3.40 -12.65
CA VAL A 332 -0.38 2.58 -13.57
C VAL A 332 -1.85 2.71 -13.19
N CYS A 333 -2.69 2.85 -14.18
CA CYS A 333 -4.14 2.85 -14.01
C CYS A 333 -4.81 2.13 -15.19
N VAL A 334 -6.08 1.80 -15.00
CA VAL A 334 -6.88 1.31 -16.11
C VAL A 334 -7.00 2.42 -17.14
N GLU A 335 -6.83 2.02 -18.40
CA GLU A 335 -7.12 2.87 -19.55
C GLU A 335 -8.58 2.61 -19.94
N GLU A 336 -9.47 3.53 -19.62
CA GLU A 336 -10.89 3.24 -19.57
C GLU A 336 -11.52 2.93 -20.92
N GLU A 337 -10.99 3.47 -21.97
CA GLU A 337 -11.54 3.21 -23.30
C GLU A 337 -10.92 1.98 -23.94
N ASN A 338 -9.77 1.50 -23.47
CA ASN A 338 -9.09 0.38 -24.10
C ASN A 338 -9.25 -0.93 -23.35
N ILE A 339 -9.63 -0.89 -22.08
CA ILE A 339 -9.66 -2.11 -21.30
C ILE A 339 -10.69 -3.14 -21.81
N ILE A 340 -11.88 -2.69 -22.16
CA ILE A 340 -12.86 -3.68 -22.61
C ILE A 340 -12.51 -4.20 -24.02
N PRO A 341 -12.02 -3.39 -24.99
CA PRO A 341 -11.46 -3.97 -26.21
C PRO A 341 -10.40 -5.03 -25.98
N TYR A 342 -9.51 -4.77 -25.03
CA TYR A 342 -8.45 -5.69 -24.70
C TYR A 342 -9.02 -6.99 -24.08
N ILE A 343 -9.97 -6.84 -23.20
CA ILE A 343 -10.56 -8.03 -22.60
C ILE A 343 -11.28 -8.86 -23.66
N THR A 344 -11.95 -8.18 -24.59
CA THR A 344 -12.75 -8.87 -25.63
C THR A 344 -11.81 -9.64 -26.54
N ASN A 345 -10.78 -8.95 -27.04
CA ASN A 345 -10.01 -9.40 -28.19
C ASN A 345 -8.68 -10.03 -27.86
N VAL A 346 -8.11 -9.73 -26.71
CA VAL A 346 -6.85 -10.33 -26.31
C VAL A 346 -7.09 -11.42 -25.25
N LEU A 347 -7.76 -11.08 -24.16
CA LEU A 347 -8.15 -12.11 -23.19
C LEU A 347 -9.23 -13.03 -23.70
N GLN A 348 -10.06 -12.52 -24.61
CA GLN A 348 -11.24 -13.24 -25.09
C GLN A 348 -12.10 -13.75 -23.94
N ASN A 349 -12.48 -12.83 -23.05
CA ASN A 349 -13.29 -13.09 -21.89
C ASN A 349 -14.52 -12.20 -21.96
N PRO A 350 -15.56 -12.64 -22.71
CA PRO A 350 -16.71 -11.76 -22.83
C PRO A 350 -17.52 -11.65 -21.55
N ASP A 351 -17.48 -12.64 -20.65
CA ASP A 351 -18.14 -12.50 -19.36
C ASP A 351 -17.57 -11.31 -18.61
N LEU A 352 -16.23 -11.20 -18.59
CA LEU A 352 -15.65 -10.08 -17.86
C LEU A 352 -15.89 -8.76 -18.60
N ALA A 353 -15.89 -8.75 -19.94
CA ALA A 353 -16.20 -7.58 -20.72
C ALA A 353 -17.59 -7.04 -20.39
N LEU A 354 -18.56 -7.94 -20.31
CA LEU A 354 -19.95 -7.62 -19.97
C LEU A 354 -20.02 -7.10 -18.55
N ARG A 355 -19.42 -7.85 -17.61
CA ARG A 355 -19.57 -7.48 -16.22
C ARG A 355 -18.94 -6.11 -16.01
N MET A 356 -17.80 -5.79 -16.63
CA MET A 356 -17.20 -4.50 -16.50
C MET A 356 -18.09 -3.41 -17.07
N ALA A 357 -18.73 -3.62 -18.23
CA ALA A 357 -19.55 -2.59 -18.82
C ALA A 357 -20.80 -2.35 -17.98
N VAL A 358 -21.33 -3.41 -17.36
CA VAL A 358 -22.55 -3.32 -16.56
C VAL A 358 -22.24 -2.47 -15.33
N ARG A 359 -21.08 -2.70 -14.72
CA ARG A 359 -20.66 -1.85 -13.60
C ARG A 359 -20.60 -0.40 -14.09
N ASN A 360 -20.13 -0.23 -15.34
CA ASN A 360 -20.08 1.04 -16.06
C ASN A 360 -18.69 1.62 -15.86
N ASN A 361 -17.72 1.15 -16.67
CA ASN A 361 -16.31 1.42 -16.43
C ASN A 361 -15.43 0.79 -17.54
#